data_9C7X
#
_entry.id   9C7X
#
_cell.length_a   59.983
_cell.length_b   142.498
_cell.length_c   54.262
_cell.angle_alpha   90.00
_cell.angle_beta   90.00
_cell.angle_gamma   90.00
#
_symmetry.space_group_name_H-M   'P 21 21 2'
#
loop_
_entity.id
_entity.type
_entity.pdbx_description
1 polymer 'Heavy Chain of SARS-CoV-2 antibody 1H06'
2 polymer 'Light Chain of SARS-CoV-2 antibody 1H06'
3 polymer "Spike protein S2'"
4 water water
#
loop_
_entity_poly.entity_id
_entity_poly.type
_entity_poly.pdbx_seq_one_letter_code
_entity_poly.pdbx_strand_id
1 'polypeptide(L)'
;EVQLQQSGPELVKPGASVKISCKASGYTFTDYYMSWVKQSHGRSLEWIGDINPNNGGITYNQNFKGKATLTVDKSSSTAY
MELRSLTSEDSAVYYCARTFAYWGLGTLVTVSAASTTAPSVYPLAPVCGGTTGSSVTLGCLVKGYFPEPVTLTWNSGSLS
SGVHTFPALLQSGLYTLSSSVTVTSNTWPSQTITCNVAHPASSTKVDKKIEPRVPA
;
A
2 'polypeptide(L)'
;DVLMTQTPLSLPVSLGDQASISCRSSQSIVHSSGNTYLQWYLQKPGQSPKLLIFKVSNRFSGVPDRFSGSGSGTDFTLKI
SRVEAEDLGVYYCFQVSHVPYTFGGGTKLEIKRTDAAPTVSIFPPSSEQLTSGGASVVCFLNNFYPKDINVKWKIDGSER
QNGVLNSWTDQDSKDSTYSMSSTLTLTKDEYERHNSYTCEATHKTSTSPIVKSFNRNEC
;
B
3 'polypeptide(L)' (ACE)IQKEIDRLNEVAKNLNESL C
#
# COMPACT_ATOMS: atom_id res chain seq x y z
N GLU A 1 -25.60 -6.90 -12.88
CA GLU A 1 -25.17 -6.69 -11.50
C GLU A 1 -24.98 -5.21 -11.19
N VAL A 2 -25.03 -4.89 -9.89
CA VAL A 2 -24.75 -3.54 -9.45
C VAL A 2 -23.32 -3.19 -9.80
N GLN A 3 -23.12 -2.02 -10.37
CA GLN A 3 -21.81 -1.60 -10.81
C GLN A 3 -21.66 -0.11 -10.60
N LEU A 4 -20.49 0.28 -10.08
CA LEU A 4 -20.17 1.67 -9.80
C LEU A 4 -18.88 1.95 -10.56
N GLN A 5 -18.95 2.72 -11.66
CA GLN A 5 -17.77 3.00 -12.47
C GLN A 5 -17.25 4.41 -12.19
N GLN A 6 -16.02 4.48 -11.68
CA GLN A 6 -15.43 5.73 -11.22
C GLN A 6 -14.44 6.24 -12.25
N SER A 7 -14.26 7.56 -12.29
CA SER A 7 -13.35 8.14 -13.26
C SER A 7 -11.89 7.79 -12.96
N GLY A 8 -11.04 7.99 -13.95
CA GLY A 8 -9.69 7.53 -13.88
C GLY A 8 -8.81 8.40 -12.98
N PRO A 9 -7.53 8.03 -12.88
CA PRO A 9 -6.63 8.69 -11.92
C PRO A 9 -6.39 10.14 -12.28
N GLU A 10 -6.29 10.98 -11.25
CA GLU A 10 -6.18 12.43 -11.41
C GLU A 10 -4.85 12.92 -10.87
N LEU A 11 -4.15 13.71 -11.67
CA LEU A 11 -2.91 14.35 -11.24
C LEU A 11 -3.19 15.84 -11.16
N VAL A 12 -3.19 16.41 -9.94
CA VAL A 12 -3.64 17.77 -9.71
C VAL A 12 -2.53 18.58 -9.03
N LYS A 13 -2.42 19.84 -9.41
CA LYS A 13 -1.46 20.76 -8.80
C LYS A 13 -1.95 21.22 -7.42
N PRO A 14 -1.02 21.46 -6.49
CA PRO A 14 -1.43 22.01 -5.19
C PRO A 14 -2.20 23.30 -5.39
N GLY A 15 -3.30 23.45 -4.66
CA GLY A 15 -4.15 24.61 -4.76
C GLY A 15 -5.17 24.57 -5.87
N ALA A 16 -5.16 23.56 -6.73
CA ALA A 16 -6.18 23.44 -7.76
C ALA A 16 -7.38 22.69 -7.20
N SER A 17 -8.37 22.42 -8.07
CA SER A 17 -9.51 21.60 -7.71
C SER A 17 -9.70 20.51 -8.74
N VAL A 18 -10.41 19.46 -8.35
CA VAL A 18 -10.67 18.34 -9.25
C VAL A 18 -12.09 17.84 -8.97
N LYS A 19 -12.75 17.38 -10.04
CA LYS A 19 -14.06 16.79 -9.91
C LYS A 19 -13.99 15.33 -10.32
N ILE A 20 -14.49 14.45 -9.44
CA ILE A 20 -14.48 13.00 -9.57
C ILE A 20 -15.89 12.55 -9.85
N SER A 21 -16.06 11.44 -10.57
CA SER A 21 -17.39 10.99 -10.92
C SER A 21 -17.57 9.49 -10.68
N CYS A 22 -18.83 9.09 -10.51
CA CYS A 22 -19.19 7.72 -10.22
C CYS A 22 -20.49 7.42 -10.96
N LYS A 23 -20.42 6.58 -11.98
CA LYS A 23 -21.61 6.22 -12.75
C LYS A 23 -22.19 4.91 -12.24
N ALA A 24 -23.47 4.92 -11.90
CA ALA A 24 -24.15 3.76 -11.32
C ALA A 24 -24.95 3.02 -12.38
N SER A 25 -24.92 1.70 -12.30
CA SER A 25 -25.75 0.89 -13.18
C SER A 25 -26.12 -0.40 -12.45
N GLY A 26 -27.14 -1.08 -12.98
CA GLY A 26 -27.61 -2.32 -12.39
C GLY A 26 -28.67 -2.15 -11.32
N TYR A 27 -29.06 -0.93 -11.01
CA TYR A 27 -30.11 -0.63 -10.05
C TYR A 27 -30.63 0.77 -10.34
N THR A 28 -31.72 1.12 -9.67
CA THR A 28 -32.36 2.42 -9.89
C THR A 28 -31.61 3.49 -9.10
N PHE A 29 -30.89 4.36 -9.81
CA PHE A 29 -29.97 5.32 -9.19
C PHE A 29 -30.66 6.16 -8.12
N THR A 30 -31.90 6.59 -8.36
CA THR A 30 -32.59 7.48 -7.43
C THR A 30 -33.25 6.76 -6.26
N ASP A 31 -33.15 5.43 -6.17
CA ASP A 31 -33.71 4.73 -5.02
C ASP A 31 -32.73 4.53 -3.86
N TYR A 32 -31.49 5.00 -3.97
CA TYR A 32 -30.47 4.73 -2.96
C TYR A 32 -29.57 5.95 -2.83
N TYR A 33 -29.11 6.20 -1.60
CA TYR A 33 -28.06 7.19 -1.37
C TYR A 33 -26.80 6.78 -2.11
N MET A 34 -25.92 7.74 -2.35
CA MET A 34 -24.57 7.47 -2.80
C MET A 34 -23.64 8.05 -1.75
N SER A 35 -22.61 7.29 -1.37
CA SER A 35 -21.67 7.77 -0.35
C SER A 35 -20.26 7.80 -0.91
N TRP A 36 -19.42 8.65 -0.32
CA TRP A 36 -18.02 8.80 -0.69
C TRP A 36 -17.13 8.58 0.53
N VAL A 37 -16.02 7.88 0.32
CA VAL A 37 -15.10 7.48 1.37
C VAL A 37 -13.67 7.77 0.90
N LYS A 38 -12.83 8.31 1.78
CA LYS A 38 -11.44 8.58 1.46
C LYS A 38 -10.58 7.50 2.10
N GLN A 39 -9.55 7.04 1.39
CA GLN A 39 -8.55 6.14 2.01
C GLN A 39 -7.16 6.70 1.72
N SER A 40 -6.42 7.03 2.77
CA SER A 40 -5.03 7.49 2.63
C SER A 40 -4.06 6.39 3.04
N HIS A 41 -2.85 6.41 2.45
CA HIS A 41 -1.77 5.48 2.79
C HIS A 41 -2.22 4.02 2.75
N GLY A 42 -3.21 3.74 1.90
CA GLY A 42 -3.71 2.38 1.76
C GLY A 42 -4.31 1.78 3.02
N ARG A 43 -4.64 2.59 4.02
CA ARG A 43 -5.19 2.06 5.26
C ARG A 43 -6.35 2.90 5.77
N SER A 44 -6.07 3.98 6.51
CA SER A 44 -7.12 4.74 7.20
C SER A 44 -8.29 5.10 6.28
N LEU A 45 -9.51 4.68 6.64
CA LEU A 45 -10.71 5.06 5.90
C LEU A 45 -11.50 6.14 6.62
N GLU A 46 -12.05 7.07 5.84
CA GLU A 46 -12.86 8.16 6.40
C GLU A 46 -14.06 8.37 5.52
N TRP A 47 -15.21 8.48 6.15
CA TRP A 47 -16.45 8.77 5.45
C TRP A 47 -16.52 10.26 5.13
N ILE A 48 -16.85 10.60 3.89
CA ILE A 48 -16.95 12.00 3.47
C ILE A 48 -18.38 12.52 3.54
N GLY A 49 -19.33 11.77 3.00
CA GLY A 49 -20.71 12.21 3.05
C GLY A 49 -21.58 11.38 2.15
N ASP A 50 -22.89 11.56 2.31
CA ASP A 50 -23.89 10.86 1.53
C ASP A 50 -24.74 11.89 0.80
N ILE A 51 -25.11 11.60 -0.44
CA ILE A 51 -26.08 12.40 -1.17
C ILE A 51 -27.30 11.58 -1.57
N ASN A 52 -28.49 12.17 -1.39
CA ASN A 52 -29.73 11.58 -1.88
C ASN A 52 -29.92 12.01 -3.34
N PRO A 53 -29.77 11.09 -4.30
CA PRO A 53 -29.90 11.51 -5.72
C PRO A 53 -31.27 12.05 -6.04
N ASN A 54 -32.31 11.61 -5.33
CA ASN A 54 -33.65 12.05 -5.67
C ASN A 54 -33.80 13.55 -5.50
N ASN A 55 -33.47 14.08 -4.33
CA ASN A 55 -33.65 15.51 -4.09
C ASN A 55 -32.36 16.30 -3.98
N GLY A 56 -31.20 15.65 -4.04
CA GLY A 56 -29.94 16.33 -3.88
C GLY A 56 -29.56 16.65 -2.44
N GLY A 57 -30.35 16.22 -1.46
CA GLY A 57 -30.01 16.46 -0.05
C GLY A 57 -28.76 15.70 0.34
N ILE A 58 -27.96 16.32 1.21
CA ILE A 58 -26.64 15.80 1.55
C ILE A 58 -26.49 15.69 3.07
N THR A 59 -25.78 14.67 3.51
CA THR A 59 -25.30 14.53 4.90
C THR A 59 -23.79 14.53 4.82
N TYR A 60 -23.14 15.61 5.27
CA TYR A 60 -21.68 15.67 5.14
C TYR A 60 -21.02 15.23 6.44
N ASN A 61 -19.77 14.77 6.31
CA ASN A 61 -18.87 14.75 7.45
C ASN A 61 -18.41 16.20 7.69
N GLN A 62 -18.67 16.71 8.90
CA GLN A 62 -18.29 18.08 9.27
C GLN A 62 -16.85 18.40 8.87
N ASN A 63 -15.95 17.43 8.99
CA ASN A 63 -14.54 17.74 8.74
C ASN A 63 -14.22 17.93 7.27
N PHE A 64 -15.14 17.63 6.37
CA PHE A 64 -14.90 17.82 4.94
C PHE A 64 -15.73 18.96 4.37
N LYS A 65 -16.38 19.76 5.21
CA LYS A 65 -17.15 20.88 4.69
C LYS A 65 -16.19 21.94 4.15
N GLY A 66 -16.48 22.44 2.95
CA GLY A 66 -15.56 23.30 2.24
C GLY A 66 -14.55 22.54 1.41
N LYS A 67 -14.10 21.37 1.87
CA LYS A 67 -13.15 20.60 1.08
C LYS A 67 -13.89 19.84 -0.02
N ALA A 68 -15.03 19.24 0.29
CA ALA A 68 -15.73 18.37 -0.66
C ALA A 68 -17.14 18.89 -0.93
N THR A 69 -17.52 18.88 -2.21
CA THR A 69 -18.87 19.23 -2.64
C THR A 69 -19.45 18.07 -3.43
N LEU A 70 -20.61 17.59 -3.00
CA LEU A 70 -21.30 16.45 -3.61
C LEU A 70 -22.45 16.94 -4.48
N THR A 71 -22.57 16.39 -5.69
CA THR A 71 -23.69 16.68 -6.59
C THR A 71 -24.06 15.40 -7.31
N VAL A 72 -25.17 15.43 -8.05
CA VAL A 72 -25.61 14.28 -8.84
C VAL A 72 -26.16 14.80 -10.16
N ASP A 73 -26.17 13.91 -11.15
CA ASP A 73 -26.84 14.15 -12.42
C ASP A 73 -27.73 12.95 -12.67
N LYS A 74 -29.04 13.14 -12.50
CA LYS A 74 -29.95 11.99 -12.55
C LYS A 74 -30.03 11.41 -13.96
N SER A 75 -29.97 12.27 -14.97
CA SER A 75 -30.15 11.80 -16.35
C SER A 75 -29.01 10.89 -16.81
N SER A 76 -27.84 10.93 -16.16
CA SER A 76 -26.74 10.04 -16.49
C SER A 76 -26.41 9.09 -15.35
N SER A 77 -27.25 9.03 -14.31
CA SER A 77 -27.04 8.16 -13.16
C SER A 77 -25.65 8.33 -12.58
N THR A 78 -25.17 9.58 -12.51
CA THR A 78 -23.82 9.88 -12.08
C THR A 78 -23.81 10.77 -10.84
N ALA A 79 -22.97 10.41 -9.87
CA ALA A 79 -22.69 11.20 -8.68
C ALA A 79 -21.32 11.84 -8.83
N TYR A 80 -21.16 13.06 -8.31
CA TYR A 80 -19.91 13.80 -8.46
C TYR A 80 -19.39 14.29 -7.12
N MET A 81 -18.08 14.22 -6.95
CA MET A 81 -17.34 14.89 -5.88
C MET A 81 -16.33 15.86 -6.44
N GLU A 82 -16.40 17.10 -6.00
CA GLU A 82 -15.37 18.06 -6.37
C GLU A 82 -14.58 18.40 -5.10
N LEU A 83 -13.27 18.26 -5.18
CA LEU A 83 -12.36 18.54 -4.09
C LEU A 83 -11.66 19.88 -4.34
N ARG A 84 -11.72 20.78 -3.36
CA ARG A 84 -11.27 22.17 -3.48
C ARG A 84 -9.93 22.42 -2.80
N SER A 85 -9.13 23.30 -3.39
CA SER A 85 -7.89 23.85 -2.81
C SER A 85 -6.97 22.74 -2.30
N LEU A 86 -6.62 21.85 -3.21
CA LEU A 86 -5.97 20.60 -2.86
C LEU A 86 -4.59 20.84 -2.25
N THR A 87 -4.23 19.98 -1.31
CA THR A 87 -2.92 19.93 -0.68
C THR A 87 -2.44 18.48 -0.71
N SER A 88 -1.20 18.27 -0.22
CA SER A 88 -0.66 16.91 -0.15
C SER A 88 -1.56 15.99 0.65
N GLU A 89 -2.21 16.53 1.69
CA GLU A 89 -3.09 15.72 2.52
C GLU A 89 -4.29 15.18 1.74
N ASP A 90 -4.58 15.74 0.56
CA ASP A 90 -5.71 15.24 -0.21
C ASP A 90 -5.34 14.13 -1.18
N SER A 91 -4.06 13.77 -1.27
CA SER A 91 -3.66 12.63 -2.08
C SER A 91 -4.21 11.37 -1.45
N ALA A 92 -5.06 10.64 -2.16
CA ALA A 92 -5.75 9.51 -1.57
C ALA A 92 -6.50 8.77 -2.66
N VAL A 93 -7.03 7.61 -2.30
CA VAL A 93 -8.02 6.94 -3.11
C VAL A 93 -9.39 7.32 -2.58
N TYR A 94 -10.27 7.75 -3.47
CA TYR A 94 -11.62 8.19 -3.11
C TYR A 94 -12.57 7.19 -3.72
N TYR A 95 -13.36 6.55 -2.86
CA TYR A 95 -14.34 5.54 -3.25
C TYR A 95 -15.75 6.12 -3.25
N CYS A 96 -16.57 5.71 -4.21
CA CYS A 96 -18.02 5.86 -4.07
C CYS A 96 -18.59 4.50 -3.72
N ALA A 97 -19.73 4.51 -3.02
CA ALA A 97 -20.31 3.26 -2.58
C ALA A 97 -21.83 3.42 -2.42
N ARG A 98 -22.54 2.34 -2.72
CA ARG A 98 -23.99 2.25 -2.53
C ARG A 98 -24.27 1.39 -1.32
N THR A 99 -25.00 1.95 -0.35
CA THR A 99 -25.32 1.23 0.88
C THR A 99 -24.07 0.65 1.57
N PHE A 100 -22.90 1.21 1.29
CA PHE A 100 -21.63 0.75 1.86
C PHE A 100 -21.41 -0.73 1.62
N ALA A 101 -22.07 -1.25 0.57
CA ALA A 101 -22.03 -2.67 0.21
C ALA A 101 -21.53 -2.93 -1.19
N TYR A 102 -21.80 -2.02 -2.12
CA TYR A 102 -21.26 -2.04 -3.48
C TYR A 102 -20.33 -0.85 -3.62
N TRP A 103 -19.05 -1.12 -3.79
CA TRP A 103 -18.02 -0.10 -3.83
C TRP A 103 -17.44 0.01 -5.23
N GLY A 104 -17.20 1.23 -5.68
CA GLY A 104 -16.41 1.41 -6.87
C GLY A 104 -14.97 0.98 -6.65
N LEU A 105 -14.22 0.94 -7.76
CA LEU A 105 -12.80 0.58 -7.66
C LEU A 105 -11.95 1.72 -7.11
N GLY A 106 -12.51 2.91 -6.96
CA GLY A 106 -11.74 4.01 -6.40
C GLY A 106 -11.06 4.85 -7.46
N THR A 107 -10.87 6.14 -7.15
CA THR A 107 -10.17 7.08 -8.02
C THR A 107 -8.98 7.62 -7.24
N LEU A 108 -7.78 7.33 -7.74
CA LEU A 108 -6.57 7.84 -7.09
C LEU A 108 -6.42 9.31 -7.45
N VAL A 109 -6.27 10.16 -6.45
CA VAL A 109 -5.97 11.58 -6.67
C VAL A 109 -4.58 11.82 -6.11
N THR A 110 -3.66 12.32 -6.95
CA THR A 110 -2.32 12.67 -6.49
C THR A 110 -2.13 14.17 -6.67
N VAL A 111 -1.82 14.86 -5.57
CA VAL A 111 -1.49 16.28 -5.56
C VAL A 111 0.01 16.43 -5.60
N SER A 112 0.52 17.16 -6.58
CA SER A 112 1.96 17.35 -6.76
C SER A 112 2.20 18.54 -7.66
N ALA A 113 3.30 19.25 -7.40
CA ALA A 113 3.75 20.32 -8.31
C ALA A 113 4.58 19.78 -9.47
N ALA A 114 4.98 18.52 -9.41
CA ALA A 114 5.88 17.96 -10.42
C ALA A 114 5.18 17.85 -11.77
N SER A 115 5.92 18.11 -12.84
CA SER A 115 5.48 17.74 -14.14
C SER A 115 5.69 16.24 -14.32
N THR A 116 5.18 15.70 -15.41
CA THR A 116 5.63 14.37 -15.83
C THR A 116 7.15 14.38 -15.86
N THR A 117 7.77 13.34 -15.30
CA THR A 117 9.23 13.29 -15.12
C THR A 117 9.71 11.87 -15.39
N ALA A 118 10.60 11.70 -16.36
CA ALA A 118 11.14 10.38 -16.65
C ALA A 118 12.09 9.94 -15.53
N PRO A 119 12.15 8.64 -15.22
CA PRO A 119 13.11 8.18 -14.22
C PRO A 119 14.52 8.12 -14.76
N SER A 120 15.48 8.28 -13.87
CA SER A 120 16.85 7.88 -14.12
C SER A 120 16.99 6.48 -13.59
N VAL A 121 17.58 5.59 -14.37
CA VAL A 121 17.60 4.16 -14.06
C VAL A 121 19.05 3.74 -13.90
N TYR A 122 19.38 3.16 -12.75
CA TYR A 122 20.77 2.85 -12.44
C TYR A 122 20.97 1.37 -12.13
N PRO A 123 21.92 0.72 -12.79
CA PRO A 123 22.20 -0.69 -12.47
C PRO A 123 23.05 -0.75 -11.22
N LEU A 124 22.77 -1.74 -10.38
CA LEU A 124 23.47 -1.88 -9.10
C LEU A 124 24.22 -3.22 -9.14
N ALA A 125 25.47 -3.18 -9.55
CA ALA A 125 26.32 -4.35 -9.46
C ALA A 125 26.96 -4.40 -8.06
N PRO A 126 27.38 -5.59 -7.62
CA PRO A 126 28.00 -5.70 -6.30
C PRO A 126 29.21 -4.79 -6.15
N VAL A 127 29.58 -4.55 -4.88
CA VAL A 127 30.86 -3.89 -4.58
C VAL A 127 31.98 -4.56 -5.36
N CYS A 128 32.89 -3.76 -5.92
CA CYS A 128 33.95 -4.34 -6.75
C CYS A 128 34.74 -5.36 -5.92
N GLY A 129 35.16 -6.44 -6.58
CA GLY A 129 36.05 -7.36 -5.90
C GLY A 129 35.34 -8.23 -4.87
N GLY A 130 36.08 -8.59 -3.84
CA GLY A 130 35.48 -9.33 -2.76
C GLY A 130 35.30 -10.81 -3.06
N THR A 131 34.71 -11.49 -2.09
CA THR A 131 34.48 -12.92 -2.20
C THR A 131 33.01 -13.13 -2.56
N THR A 132 32.72 -14.22 -3.25
CA THR A 132 31.35 -14.54 -3.59
C THR A 132 30.97 -15.84 -2.90
N GLY A 133 29.70 -15.96 -2.51
CA GLY A 133 29.17 -17.18 -1.95
C GLY A 133 28.47 -18.04 -3.00
N SER A 134 27.48 -18.81 -2.55
CA SER A 134 26.73 -19.63 -3.49
C SER A 134 25.72 -18.81 -4.29
N SER A 135 25.41 -17.60 -3.83
CA SER A 135 24.43 -16.78 -4.52
C SER A 135 24.98 -15.36 -4.63
N VAL A 136 24.37 -14.56 -5.51
CA VAL A 136 24.79 -13.19 -5.69
C VAL A 136 23.55 -12.33 -5.90
N THR A 137 23.57 -11.14 -5.33
CA THR A 137 22.44 -10.23 -5.42
C THR A 137 22.82 -8.99 -6.23
N LEU A 138 21.94 -8.61 -7.15
CA LEU A 138 22.11 -7.44 -7.99
C LEU A 138 20.93 -6.52 -7.73
N GLY A 139 21.05 -5.27 -8.14
CA GLY A 139 19.99 -4.31 -7.88
C GLY A 139 19.76 -3.37 -9.04
N CYS A 140 18.69 -2.60 -8.93
CA CYS A 140 18.27 -1.66 -9.97
C CYS A 140 17.56 -0.52 -9.27
N LEU A 141 17.99 0.71 -9.52
CA LEU A 141 17.45 1.88 -8.84
C LEU A 141 16.73 2.76 -9.86
N VAL A 142 15.49 3.10 -9.58
CA VAL A 142 14.64 3.85 -10.51
C VAL A 142 14.28 5.14 -9.78
N LYS A 143 14.97 6.24 -10.12
CA LYS A 143 15.00 7.42 -9.26
C LYS A 143 14.35 8.61 -9.94
N GLY A 144 13.43 9.27 -9.22
CA GLY A 144 12.91 10.58 -9.58
C GLY A 144 11.93 10.62 -10.73
N TYR A 145 10.91 9.77 -10.74
CA TYR A 145 9.91 9.82 -11.79
C TYR A 145 8.58 10.35 -11.26
N PHE A 146 7.71 10.67 -12.21
CA PHE A 146 6.36 11.10 -11.87
C PHE A 146 5.54 11.08 -13.15
N PRO A 147 4.27 10.68 -13.10
CA PRO A 147 3.56 10.06 -11.98
C PRO A 147 3.90 8.60 -11.85
N GLU A 148 3.36 7.90 -10.85
CA GLU A 148 3.34 6.44 -10.93
C GLU A 148 2.44 6.00 -12.09
N PRO A 149 2.66 4.79 -12.64
CA PRO A 149 3.58 3.72 -12.25
C PRO A 149 4.79 3.62 -13.18
N VAL A 150 5.82 2.90 -12.73
CA VAL A 150 6.84 2.37 -13.62
C VAL A 150 6.56 0.87 -13.70
N THR A 151 7.05 0.21 -14.74
CA THR A 151 7.14 -1.25 -14.71
C THR A 151 8.60 -1.63 -14.74
N LEU A 152 8.96 -2.63 -13.95
CA LEU A 152 10.33 -3.10 -13.83
C LEU A 152 10.28 -4.62 -13.90
N THR A 153 11.08 -5.20 -14.79
CA THR A 153 11.26 -6.65 -14.90
C THR A 153 12.75 -6.93 -15.05
N TRP A 154 13.13 -8.19 -14.86
CA TRP A 154 14.50 -8.65 -15.00
C TRP A 154 14.55 -9.67 -16.14
N ASN A 155 15.49 -9.48 -17.05
CA ASN A 155 15.59 -10.32 -18.26
C ASN A 155 14.21 -10.46 -18.91
N SER A 156 13.52 -9.32 -19.02
CA SER A 156 12.23 -9.25 -19.69
C SER A 156 11.17 -10.08 -18.97
N GLY A 157 11.35 -10.29 -17.67
CA GLY A 157 10.41 -11.04 -16.86
C GLY A 157 10.77 -12.49 -16.68
N SER A 158 11.67 -13.02 -17.53
CA SER A 158 12.16 -14.40 -17.43
C SER A 158 12.70 -14.70 -16.04
N LEU A 159 13.34 -13.72 -15.43
CA LEU A 159 13.91 -13.82 -14.10
C LEU A 159 12.90 -13.24 -13.13
N SER A 160 12.21 -14.13 -12.43
CA SER A 160 11.17 -13.74 -11.48
C SER A 160 11.37 -14.34 -10.10
N SER A 161 11.90 -15.56 -10.03
CA SER A 161 12.29 -16.16 -8.76
C SER A 161 13.48 -15.38 -8.16
N GLY A 162 13.41 -15.12 -6.86
CA GLY A 162 14.50 -14.37 -6.25
C GLY A 162 14.47 -12.87 -6.45
N VAL A 163 13.40 -12.32 -7.08
CA VAL A 163 13.24 -10.88 -7.25
C VAL A 163 12.48 -10.29 -6.07
N HIS A 164 12.92 -9.12 -5.60
CA HIS A 164 12.11 -8.30 -4.70
C HIS A 164 12.06 -6.89 -5.28
N THR A 165 10.87 -6.42 -5.64
CA THR A 165 10.68 -5.04 -6.08
C THR A 165 9.94 -4.28 -4.99
N PHE A 166 10.51 -3.18 -4.56
CA PHE A 166 9.97 -2.51 -3.39
C PHE A 166 9.02 -1.40 -3.80
N PRO A 167 7.98 -1.21 -2.99
CA PRO A 167 7.03 -0.11 -3.25
C PRO A 167 7.74 1.22 -3.40
N ALA A 168 7.27 2.01 -4.36
CA ALA A 168 7.86 3.32 -4.58
C ALA A 168 7.63 4.24 -3.38
N LEU A 169 8.58 5.14 -3.15
CA LEU A 169 8.49 6.18 -2.12
C LEU A 169 8.66 7.55 -2.76
N LEU A 170 8.21 8.59 -2.06
CA LEU A 170 8.37 9.96 -2.52
C LEU A 170 9.66 10.54 -1.96
N GLN A 171 10.31 11.39 -2.75
CA GLN A 171 11.52 12.08 -2.33
C GLN A 171 11.63 13.31 -3.23
N SER A 172 11.36 14.49 -2.65
CA SER A 172 11.39 15.75 -3.38
C SER A 172 10.27 15.83 -4.42
N GLY A 173 9.08 15.36 -4.07
CA GLY A 173 7.95 15.39 -4.97
C GLY A 173 7.97 14.35 -6.07
N LEU A 174 9.00 13.51 -6.11
CA LEU A 174 9.22 12.55 -7.17
C LEU A 174 9.25 11.14 -6.56
N TYR A 175 8.90 10.13 -7.36
CA TYR A 175 8.95 8.77 -6.84
C TYR A 175 10.31 8.14 -7.07
N THR A 176 10.66 7.23 -6.18
CA THR A 176 11.83 6.39 -6.33
C THR A 176 11.46 4.97 -5.94
N LEU A 177 11.96 4.00 -6.71
CA LEU A 177 11.79 2.61 -6.34
C LEU A 177 13.06 1.85 -6.65
N SER A 178 13.17 0.67 -6.03
CA SER A 178 14.32 -0.19 -6.28
C SER A 178 13.88 -1.65 -6.33
N SER A 179 14.78 -2.50 -6.79
CA SER A 179 14.46 -3.91 -6.96
C SER A 179 15.75 -4.69 -6.88
N SER A 180 15.72 -5.81 -6.17
CA SER A 180 16.90 -6.67 -6.09
C SER A 180 16.56 -8.00 -6.74
N VAL A 181 17.58 -8.71 -7.23
CA VAL A 181 17.41 -10.07 -7.71
C VAL A 181 18.59 -10.90 -7.23
N THR A 182 18.31 -12.12 -6.78
CA THR A 182 19.31 -13.01 -6.23
C THR A 182 19.32 -14.26 -7.11
N VAL A 183 20.50 -14.61 -7.65
CA VAL A 183 20.71 -15.75 -8.53
C VAL A 183 21.91 -16.54 -8.02
N THR A 184 22.03 -17.78 -8.48
CA THR A 184 23.21 -18.56 -8.11
C THR A 184 24.47 -17.93 -8.70
N SER A 185 25.56 -17.98 -7.96
CA SER A 185 26.73 -17.22 -8.41
C SER A 185 27.33 -17.80 -9.69
N ASN A 186 26.99 -19.04 -10.02
CA ASN A 186 27.38 -19.59 -11.32
C ASN A 186 26.64 -18.97 -12.48
N THR A 187 25.59 -18.19 -12.21
CA THR A 187 24.70 -17.61 -13.21
C THR A 187 25.19 -16.24 -13.68
N TRP A 188 25.81 -15.47 -12.81
CA TRP A 188 26.23 -14.11 -13.07
C TRP A 188 27.59 -13.89 -12.43
N PRO A 189 28.53 -13.25 -13.16
CA PRO A 189 28.37 -12.61 -14.47
C PRO A 189 28.48 -13.52 -15.70
N SER A 190 28.53 -14.86 -15.62
CA SER A 190 28.68 -15.65 -16.84
C SER A 190 27.51 -15.44 -17.80
N GLN A 191 26.29 -15.27 -17.29
CA GLN A 191 25.12 -14.99 -18.11
C GLN A 191 24.61 -13.58 -17.87
N THR A 192 23.99 -13.01 -18.91
CA THR A 192 23.59 -11.61 -18.88
C THR A 192 22.38 -11.43 -18.00
N ILE A 193 22.39 -10.38 -17.19
CA ILE A 193 21.22 -10.04 -16.39
C ILE A 193 20.98 -8.55 -16.60
N THR A 194 19.76 -8.19 -17.00
CA THR A 194 19.38 -6.84 -17.39
C THR A 194 18.12 -6.43 -16.64
N CYS A 195 18.07 -5.20 -16.10
CA CYS A 195 16.79 -4.72 -15.57
C CYS A 195 16.15 -3.87 -16.64
N ASN A 196 14.86 -4.09 -16.85
CA ASN A 196 14.10 -3.42 -17.89
C ASN A 196 13.09 -2.53 -17.18
N VAL A 197 13.11 -1.24 -17.50
CA VAL A 197 12.24 -0.28 -16.86
C VAL A 197 11.44 0.45 -17.94
N ALA A 198 10.15 0.62 -17.71
CA ALA A 198 9.30 1.40 -18.58
C ALA A 198 8.55 2.42 -17.73
N HIS A 199 8.39 3.65 -18.25
CA HIS A 199 7.59 4.68 -17.59
C HIS A 199 6.66 5.21 -18.67
N PRO A 200 5.42 4.68 -18.74
CA PRO A 200 4.54 5.03 -19.85
C PRO A 200 4.29 6.53 -20.00
N ALA A 201 4.07 7.24 -18.89
CA ALA A 201 3.67 8.64 -18.97
C ALA A 201 4.68 9.48 -19.72
N SER A 202 5.94 9.10 -19.69
CA SER A 202 6.99 9.84 -20.38
C SER A 202 7.50 9.12 -21.63
N SER A 203 6.91 7.96 -21.99
CA SER A 203 7.40 7.15 -23.10
C SER A 203 8.85 6.75 -22.89
N THR A 204 9.25 6.54 -21.65
CA THR A 204 10.62 6.20 -21.33
C THR A 204 10.75 4.69 -21.23
N LYS A 205 11.82 4.17 -21.82
CA LYS A 205 12.05 2.73 -21.82
C LYS A 205 13.56 2.53 -21.79
N VAL A 206 14.05 1.87 -20.74
CA VAL A 206 15.49 1.81 -20.46
C VAL A 206 15.83 0.39 -20.04
N ASP A 207 16.81 -0.23 -20.69
CA ASP A 207 17.32 -1.54 -20.30
C ASP A 207 18.76 -1.36 -19.87
N LYS A 208 19.07 -1.79 -18.65
CA LYS A 208 20.40 -1.61 -18.10
C LYS A 208 20.97 -2.98 -17.80
N LYS A 209 22.04 -3.32 -18.49
CA LYS A 209 22.75 -4.54 -18.14
C LYS A 209 23.51 -4.31 -16.83
N ILE A 210 23.48 -5.32 -15.95
CA ILE A 210 24.26 -5.23 -14.72
C ILE A 210 25.66 -5.72 -15.06
N GLU A 211 26.62 -4.84 -14.99
CA GLU A 211 27.97 -5.25 -15.35
C GLU A 211 28.90 -5.17 -14.15
N PRO A 212 29.83 -6.10 -14.01
CA PRO A 212 30.75 -6.07 -12.87
C PRO A 212 31.45 -4.71 -12.78
N ARG A 213 31.60 -4.21 -11.56
CA ARG A 213 32.41 -3.01 -11.36
C ARG A 213 33.86 -3.39 -11.60
N VAL A 214 34.53 -2.62 -12.45
CA VAL A 214 35.96 -2.82 -12.65
C VAL A 214 36.70 -1.69 -11.96
N PRO A 215 37.90 -1.93 -11.44
CA PRO A 215 38.74 -0.82 -10.96
C PRO A 215 39.25 0.01 -12.13
N ALA A 216 39.91 -0.64 -13.08
CA ALA A 216 40.47 0.01 -14.25
C ALA A 216 40.88 -1.03 -15.30
N ASP B 1 -17.64 12.42 18.17
CA ASP B 1 -17.50 11.34 17.22
C ASP B 1 -17.23 10.04 17.95
N VAL B 2 -17.66 8.94 17.36
CA VAL B 2 -17.42 7.62 17.94
C VAL B 2 -16.07 7.12 17.45
N LEU B 3 -15.15 6.87 18.37
CA LEU B 3 -13.88 6.26 18.03
C LEU B 3 -14.02 4.74 18.03
N MET B 4 -13.64 4.12 16.91
CA MET B 4 -13.60 2.68 16.69
C MET B 4 -12.15 2.22 16.82
N THR B 5 -11.87 1.36 17.81
CA THR B 5 -10.51 0.93 18.10
C THR B 5 -10.42 -0.56 17.76
N GLN B 6 -9.55 -0.91 16.83
CA GLN B 6 -9.42 -2.30 16.41
C GLN B 6 -8.16 -2.91 16.99
N THR B 7 -8.26 -4.12 17.52
CA THR B 7 -7.04 -4.81 17.93
C THR B 7 -7.12 -6.27 17.52
N PRO B 8 -5.97 -6.90 17.25
CA PRO B 8 -4.63 -6.32 17.23
C PRO B 8 -4.38 -5.55 15.93
N LEU B 9 -3.27 -4.81 15.86
CA LEU B 9 -2.90 -4.15 14.60
C LEU B 9 -2.62 -5.18 13.51
N SER B 10 -1.89 -6.24 13.87
CA SER B 10 -1.56 -7.34 12.98
C SER B 10 -1.79 -8.62 13.74
N LEU B 11 -2.31 -9.62 13.03
CA LEU B 11 -2.64 -10.93 13.60
C LEU B 11 -2.02 -12.04 12.77
N PRO B 12 -0.87 -12.60 13.19
CA PRO B 12 -0.29 -13.72 12.43
C PRO B 12 -0.92 -15.03 12.84
N VAL B 13 -1.38 -15.82 11.84
CA VAL B 13 -2.08 -17.07 12.08
C VAL B 13 -1.51 -18.13 11.14
N SER B 14 -1.84 -19.39 11.42
CA SER B 14 -1.57 -20.47 10.48
C SER B 14 -2.84 -20.75 9.70
N LEU B 15 -2.68 -21.10 8.43
CA LEU B 15 -3.84 -21.49 7.63
C LEU B 15 -4.56 -22.66 8.29
N GLY B 16 -5.89 -22.60 8.32
CA GLY B 16 -6.66 -23.65 8.97
C GLY B 16 -6.98 -23.38 10.42
N ASP B 17 -6.35 -22.38 11.04
CA ASP B 17 -6.60 -22.02 12.42
C ASP B 17 -7.82 -21.11 12.51
N GLN B 18 -8.44 -21.07 13.69
CA GLN B 18 -9.45 -20.05 13.98
C GLN B 18 -8.77 -18.73 14.25
N ALA B 19 -9.51 -17.65 14.05
CA ALA B 19 -9.00 -16.31 14.28
C ALA B 19 -10.15 -15.43 14.72
N SER B 20 -9.83 -14.46 15.55
CA SER B 20 -10.79 -13.45 15.98
C SER B 20 -10.12 -12.10 16.06
N ILE B 21 -10.92 -11.09 15.77
CA ILE B 21 -10.52 -9.69 15.63
C ILE B 21 -11.50 -8.87 16.43
N SER B 22 -11.01 -7.89 17.18
CA SER B 22 -11.83 -7.13 18.09
C SER B 22 -12.01 -5.69 17.60
N CYS B 23 -13.19 -5.13 17.91
CA CYS B 23 -13.55 -3.75 17.56
C CYS B 23 -14.34 -3.19 18.73
N ARG B 24 -13.76 -2.17 19.35
CA ARG B 24 -14.31 -1.41 20.48
C ARG B 24 -14.74 -0.02 20.06
N SER B 25 -15.99 0.34 20.34
CA SER B 25 -16.48 1.68 20.08
C SER B 25 -16.31 2.49 21.37
N SER B 26 -16.04 3.79 21.21
CA SER B 26 -15.85 4.61 22.42
C SER B 26 -17.16 4.94 23.11
N GLN B 27 -18.29 4.67 22.48
CA GLN B 27 -19.60 4.87 23.09
C GLN B 27 -20.58 3.96 22.37
N SER B 28 -21.79 3.85 22.94
CA SER B 28 -22.86 3.06 22.36
C SER B 28 -23.04 3.43 20.89
N ILE B 29 -23.26 2.41 20.04
CA ILE B 29 -23.56 2.69 18.62
C ILE B 29 -24.93 2.15 18.23
N VAL B 30 -25.96 2.49 18.99
CA VAL B 30 -27.32 2.07 18.71
C VAL B 30 -28.01 3.24 18.01
N HIS B 31 -28.48 3.00 16.79
CA HIS B 31 -29.21 3.98 16.01
C HIS B 31 -30.57 4.25 16.64
N SER B 32 -31.19 5.38 16.26
CA SER B 32 -32.47 5.72 16.87
C SER B 32 -33.54 4.68 16.55
N SER B 33 -33.38 3.88 15.51
CA SER B 33 -34.30 2.78 15.25
C SER B 33 -34.15 1.61 16.21
N GLY B 34 -33.13 1.60 17.06
CA GLY B 34 -32.86 0.44 17.91
C GLY B 34 -31.88 -0.55 17.31
N ASN B 35 -31.50 -0.39 16.05
CA ASN B 35 -30.56 -1.30 15.44
C ASN B 35 -29.15 -0.78 15.55
N THR B 36 -28.18 -1.71 15.46
CA THR B 36 -26.77 -1.36 15.54
C THR B 36 -26.15 -1.61 14.18
N TYR B 37 -25.70 -0.54 13.51
CA TYR B 37 -25.19 -0.64 12.15
C TYR B 37 -23.67 -0.74 12.15
N LEU B 38 -23.18 -1.88 12.63
CA LEU B 38 -21.76 -2.16 12.61
C LEU B 38 -21.46 -3.14 11.47
N GLN B 39 -20.59 -2.73 10.55
CA GLN B 39 -20.23 -3.52 9.38
C GLN B 39 -18.77 -3.96 9.50
N TRP B 40 -18.45 -5.11 8.90
CA TRP B 40 -17.06 -5.57 8.77
C TRP B 40 -16.70 -5.72 7.29
N TYR B 41 -15.48 -5.32 6.92
CA TYR B 41 -14.99 -5.43 5.56
C TYR B 41 -13.66 -6.17 5.53
N LEU B 42 -13.40 -6.82 4.40
CA LEU B 42 -12.08 -7.31 4.07
C LEU B 42 -11.58 -6.49 2.88
N GLN B 43 -10.34 -6.01 2.96
CA GLN B 43 -9.74 -5.35 1.82
C GLN B 43 -8.42 -6.03 1.47
N LYS B 44 -8.32 -6.44 0.33
CA LYS B 44 -7.10 -7.06 -0.15
C LYS B 44 -6.27 -6.04 -0.91
N PRO B 45 -4.94 -6.23 -0.94
CA PRO B 45 -4.06 -5.20 -1.51
C PRO B 45 -4.45 -4.76 -2.91
N GLY B 46 -4.43 -3.45 -3.14
CA GLY B 46 -4.88 -2.83 -4.36
C GLY B 46 -6.34 -3.04 -4.70
N GLN B 47 -7.17 -3.44 -3.75
CA GLN B 47 -8.58 -3.71 -4.04
C GLN B 47 -9.48 -2.87 -3.15
N SER B 48 -10.73 -2.79 -3.54
CA SER B 48 -11.71 -2.05 -2.79
C SER B 48 -12.20 -2.89 -1.61
N PRO B 49 -12.70 -2.26 -0.54
CA PRO B 49 -13.23 -3.04 0.58
C PRO B 49 -14.39 -3.90 0.11
N LYS B 50 -14.52 -5.07 0.74
CA LYS B 50 -15.59 -6.01 0.43
C LYS B 50 -16.37 -6.27 1.72
N LEU B 51 -17.68 -6.10 1.66
CA LEU B 51 -18.53 -6.24 2.85
C LEU B 51 -18.66 -7.70 3.27
N LEU B 52 -18.40 -8.00 4.55
CA LEU B 52 -18.57 -9.35 5.08
C LEU B 52 -19.83 -9.51 5.92
N ILE B 53 -20.01 -8.60 6.87
CA ILE B 53 -21.03 -8.64 7.91
C ILE B 53 -21.64 -7.25 8.01
N PHE B 54 -22.97 -7.17 8.14
CA PHE B 54 -23.63 -5.89 8.39
C PHE B 54 -24.57 -6.02 9.60
N LYS B 55 -24.84 -4.88 10.24
CA LYS B 55 -25.67 -4.85 11.45
C LYS B 55 -25.20 -5.89 12.46
N VAL B 56 -23.90 -5.87 12.77
CA VAL B 56 -23.24 -6.63 13.84
C VAL B 56 -23.02 -8.09 13.47
N SER B 57 -24.08 -8.79 13.05
CA SER B 57 -24.01 -10.25 12.95
C SER B 57 -24.63 -10.85 11.69
N ASN B 58 -25.11 -10.05 10.76
CA ASN B 58 -25.77 -10.58 9.57
C ASN B 58 -24.73 -10.78 8.48
N ARG B 59 -24.62 -12.02 8.01
CA ARG B 59 -23.65 -12.34 6.97
C ARG B 59 -24.16 -11.86 5.60
N PHE B 60 -23.32 -11.15 4.87
CA PHE B 60 -23.75 -10.57 3.61
C PHE B 60 -23.72 -11.60 2.48
N SER B 61 -24.82 -11.71 1.74
CA SER B 61 -24.80 -12.42 0.45
C SER B 61 -24.13 -13.79 0.45
N GLY B 62 -23.12 -13.97 -0.41
CA GLY B 62 -22.41 -15.23 -0.54
C GLY B 62 -21.10 -15.32 0.24
N VAL B 63 -20.93 -14.43 1.21
CA VAL B 63 -19.74 -14.47 2.10
C VAL B 63 -19.67 -15.85 2.74
N PRO B 64 -18.52 -16.51 2.76
CA PRO B 64 -18.47 -17.90 3.26
C PRO B 64 -18.94 -17.97 4.70
N ASP B 65 -19.50 -19.13 5.07
CA ASP B 65 -20.00 -19.28 6.43
C ASP B 65 -18.88 -19.31 7.47
N ARG B 66 -17.63 -19.45 7.07
CA ARG B 66 -16.62 -19.41 8.12
C ARG B 66 -16.45 -18.04 8.75
N PHE B 67 -17.04 -16.99 8.17
CA PHE B 67 -16.98 -15.66 8.75
C PHE B 67 -18.22 -15.44 9.62
N SER B 68 -18.04 -14.83 10.78
CA SER B 68 -19.20 -14.41 11.53
C SER B 68 -18.84 -13.19 12.39
N GLY B 69 -19.85 -12.36 12.65
CA GLY B 69 -19.67 -11.14 13.41
C GLY B 69 -20.61 -11.20 14.60
N SER B 70 -20.19 -10.59 15.70
CA SER B 70 -21.03 -10.60 16.89
C SER B 70 -20.67 -9.42 17.77
N GLY B 71 -21.47 -9.23 18.80
CA GLY B 71 -21.07 -8.34 19.86
C GLY B 71 -22.24 -7.51 20.35
N SER B 72 -21.98 -6.66 21.33
CA SER B 72 -23.02 -5.83 21.92
C SER B 72 -22.34 -4.74 22.75
N GLY B 73 -23.11 -3.73 23.13
CA GLY B 73 -22.56 -2.62 23.88
C GLY B 73 -21.42 -1.94 23.13
N THR B 74 -20.20 -2.06 23.63
CA THR B 74 -19.05 -1.51 22.95
C THR B 74 -18.03 -2.58 22.49
N ASP B 75 -18.24 -3.88 22.81
CA ASP B 75 -17.50 -5.05 22.27
C ASP B 75 -18.06 -5.63 20.99
N PHE B 76 -17.26 -5.62 19.93
CA PHE B 76 -17.65 -6.32 18.72
C PHE B 76 -16.50 -7.20 18.26
N THR B 77 -16.85 -8.30 17.59
CA THR B 77 -15.88 -9.34 17.24
C THR B 77 -16.19 -9.92 15.87
N LEU B 78 -15.14 -10.09 15.06
CA LEU B 78 -15.25 -10.87 13.83
C LEU B 78 -14.46 -12.16 14.02
N LYS B 79 -15.10 -13.29 13.74
CA LYS B 79 -14.46 -14.60 13.85
C LYS B 79 -14.38 -15.25 12.48
N ILE B 80 -13.28 -15.98 12.28
CA ILE B 80 -13.08 -16.81 11.10
C ILE B 80 -12.81 -18.21 11.63
N SER B 81 -13.70 -19.15 11.33
CA SER B 81 -13.58 -20.47 11.96
C SER B 81 -12.42 -21.27 11.39
N ARG B 82 -11.91 -20.90 10.21
CA ARG B 82 -10.87 -21.67 9.54
C ARG B 82 -10.25 -20.71 8.53
N VAL B 83 -9.04 -20.22 8.80
CA VAL B 83 -8.47 -19.17 7.98
C VAL B 83 -7.91 -19.79 6.70
N GLU B 84 -8.28 -19.21 5.54
CA GLU B 84 -7.76 -19.66 4.25
C GLU B 84 -6.98 -18.53 3.57
N ALA B 85 -6.22 -18.89 2.53
CA ALA B 85 -5.27 -17.91 1.97
C ALA B 85 -6.00 -16.72 1.37
N GLU B 86 -7.17 -16.95 0.78
CA GLU B 86 -7.93 -15.83 0.24
C GLU B 86 -8.46 -14.90 1.32
N ASP B 87 -8.34 -15.25 2.60
CA ASP B 87 -8.82 -14.35 3.64
C ASP B 87 -7.74 -13.37 4.10
N LEU B 88 -6.50 -13.52 3.61
CA LEU B 88 -5.42 -12.65 4.04
C LEU B 88 -5.61 -11.24 3.50
N GLY B 89 -5.38 -10.24 4.35
CA GLY B 89 -5.64 -8.85 4.00
C GLY B 89 -5.96 -8.05 5.25
N VAL B 90 -6.53 -6.88 5.07
CA VAL B 90 -6.85 -6.02 6.21
C VAL B 90 -8.36 -5.99 6.40
N TYR B 91 -8.77 -6.20 7.66
CA TYR B 91 -10.16 -6.19 8.12
C TYR B 91 -10.48 -4.87 8.81
N TYR B 92 -11.66 -4.30 8.50
CA TYR B 92 -12.08 -3.01 9.06
C TYR B 92 -13.48 -3.14 9.61
N CYS B 93 -13.72 -2.55 10.78
CA CYS B 93 -15.09 -2.34 11.26
C CYS B 93 -15.51 -0.91 10.91
N PHE B 94 -16.81 -0.66 10.92
CA PHE B 94 -17.36 0.61 10.43
C PHE B 94 -18.71 0.79 11.08
N GLN B 95 -18.91 1.88 11.81
CA GLN B 95 -20.20 2.16 12.45
C GLN B 95 -20.96 3.19 11.61
N VAL B 96 -22.20 2.88 11.29
CA VAL B 96 -23.06 3.76 10.52
C VAL B 96 -24.30 4.04 11.37
N SER B 97 -24.13 4.10 12.69
CA SER B 97 -25.26 4.43 13.56
C SER B 97 -25.33 5.90 13.91
N HIS B 98 -24.18 6.56 14.00
CA HIS B 98 -24.10 7.94 14.47
C HIS B 98 -23.24 8.72 13.50
N VAL B 99 -23.72 9.88 13.08
CA VAL B 99 -22.96 10.73 12.17
C VAL B 99 -21.94 11.52 12.99
N PRO B 100 -20.67 11.60 12.57
CA PRO B 100 -20.10 11.02 11.36
C PRO B 100 -19.83 9.54 11.52
N TYR B 101 -20.16 8.77 10.47
CA TYR B 101 -19.82 7.36 10.43
C TYR B 101 -18.30 7.21 10.52
N THR B 102 -17.84 6.17 11.23
CA THR B 102 -16.41 6.08 11.47
C THR B 102 -15.91 4.65 11.34
N PHE B 103 -14.67 4.53 10.87
CA PHE B 103 -14.00 3.25 10.67
C PHE B 103 -12.99 2.98 11.77
N GLY B 104 -12.79 1.69 12.08
CA GLY B 104 -11.60 1.29 12.83
C GLY B 104 -10.33 1.38 11.98
N GLY B 105 -9.18 1.31 12.65
CA GLY B 105 -7.92 1.50 11.94
C GLY B 105 -7.43 0.30 11.17
N GLY B 106 -8.15 -0.82 11.23
CA GLY B 106 -7.87 -2.04 10.50
C GLY B 106 -7.00 -3.00 11.28
N THR B 107 -7.19 -4.30 10.98
CA THR B 107 -6.36 -5.38 11.51
C THR B 107 -5.86 -6.18 10.31
N LYS B 108 -4.54 -6.33 10.18
CA LYS B 108 -3.98 -7.06 9.05
C LYS B 108 -3.81 -8.52 9.45
N LEU B 109 -4.42 -9.41 8.68
CA LEU B 109 -4.26 -10.84 8.92
C LEU B 109 -3.09 -11.31 8.07
N GLU B 110 -2.11 -12.00 8.70
CA GLU B 110 -0.86 -12.44 8.05
C GLU B 110 -0.53 -13.87 8.47
N ILE B 111 0.50 -14.44 7.83
CA ILE B 111 0.92 -15.81 8.08
C ILE B 111 2.04 -15.81 9.12
N LYS B 112 1.89 -16.63 10.15
CA LYS B 112 2.94 -16.90 11.13
C LYS B 112 3.90 -17.95 10.59
N ARG B 113 5.19 -17.75 10.80
CA ARG B 113 6.18 -18.76 10.43
C ARG B 113 7.36 -18.64 11.38
N THR B 114 8.37 -19.50 11.19
CA THR B 114 9.52 -19.46 12.08
C THR B 114 10.37 -18.22 11.77
N ASP B 115 11.22 -17.86 12.73
CA ASP B 115 12.12 -16.71 12.54
C ASP B 115 13.07 -17.00 11.38
N ALA B 116 13.46 -15.94 10.67
CA ALA B 116 14.39 -16.06 9.56
C ALA B 116 15.25 -14.81 9.51
N ALA B 117 16.57 -15.00 9.44
CA ALA B 117 17.54 -13.91 9.47
C ALA B 117 17.62 -13.22 8.12
N PRO B 118 17.78 -11.90 8.09
CA PRO B 118 17.88 -11.19 6.81
C PRO B 118 19.18 -11.47 6.09
N THR B 119 19.10 -11.52 4.76
CA THR B 119 20.27 -11.56 3.88
C THR B 119 20.51 -10.13 3.43
N VAL B 120 21.67 -9.58 3.78
CA VAL B 120 21.90 -8.15 3.62
C VAL B 120 22.93 -7.95 2.54
N SER B 121 22.64 -7.01 1.62
CA SER B 121 23.54 -6.66 0.53
C SER B 121 23.61 -5.15 0.43
N ILE B 122 24.82 -4.62 0.20
CA ILE B 122 25.03 -3.18 0.10
C ILE B 122 25.60 -2.84 -1.28
N PHE B 123 25.13 -1.74 -1.86
CA PHE B 123 25.50 -1.36 -3.23
C PHE B 123 25.98 0.09 -3.24
N PRO B 124 27.20 0.35 -3.69
CA PRO B 124 27.66 1.72 -3.86
C PRO B 124 26.89 2.41 -4.97
N PRO B 125 26.97 3.74 -5.06
CA PRO B 125 26.37 4.45 -6.20
C PRO B 125 26.86 3.85 -7.50
N SER B 126 25.99 3.80 -8.49
CA SER B 126 26.47 3.40 -9.81
C SER B 126 27.30 4.53 -10.41
N SER B 127 28.31 4.15 -11.20
CA SER B 127 29.15 5.14 -11.86
C SER B 127 28.31 6.09 -12.69
N GLU B 128 27.16 5.62 -13.18
CA GLU B 128 26.37 6.47 -14.06
C GLU B 128 25.67 7.56 -13.24
N GLN B 129 25.17 7.21 -12.05
CA GLN B 129 24.56 8.23 -11.20
C GLN B 129 25.56 9.28 -10.74
N LEU B 130 26.82 8.89 -10.52
CA LEU B 130 27.82 9.86 -10.10
C LEU B 130 27.96 10.98 -11.12
N THR B 131 27.79 10.68 -12.40
CA THR B 131 28.00 11.76 -13.34
C THR B 131 26.89 12.80 -13.26
N SER B 132 25.88 12.60 -12.40
CA SER B 132 24.72 13.48 -12.33
C SER B 132 24.69 14.36 -11.08
N GLY B 133 25.66 14.23 -10.18
CA GLY B 133 25.67 15.05 -8.99
C GLY B 133 25.00 14.45 -7.77
N GLY B 134 24.23 13.37 -7.92
CA GLY B 134 23.66 12.69 -6.76
C GLY B 134 24.33 11.36 -6.53
N ALA B 135 24.16 10.77 -5.35
CA ALA B 135 24.73 9.47 -5.05
C ALA B 135 23.81 8.75 -4.09
N SER B 136 23.35 7.57 -4.45
CA SER B 136 22.53 6.77 -3.54
C SER B 136 23.24 5.48 -3.20
N VAL B 137 23.35 5.19 -1.92
CA VAL B 137 23.87 3.90 -1.47
C VAL B 137 22.68 3.07 -1.03
N VAL B 138 22.56 1.87 -1.59
CA VAL B 138 21.38 1.03 -1.41
C VAL B 138 21.78 -0.18 -0.59
N CYS B 139 20.94 -0.51 0.38
CA CYS B 139 21.08 -1.70 1.20
C CYS B 139 19.78 -2.50 1.10
N PHE B 140 19.87 -3.76 0.67
CA PHE B 140 18.70 -4.63 0.69
C PHE B 140 18.80 -5.55 1.91
N LEU B 141 17.69 -5.75 2.60
CA LEU B 141 17.60 -6.71 3.70
C LEU B 141 16.47 -7.67 3.38
N ASN B 142 16.81 -8.86 2.87
CA ASN B 142 15.83 -9.70 2.19
C ASN B 142 15.47 -10.96 2.98
N ASN B 143 14.21 -11.36 2.83
CA ASN B 143 13.68 -12.64 3.27
C ASN B 143 13.88 -12.86 4.77
N PHE B 144 13.36 -11.94 5.58
CA PHE B 144 13.48 -12.09 7.02
C PHE B 144 12.11 -12.25 7.67
N TYR B 145 12.11 -12.73 8.93
CA TYR B 145 10.89 -12.85 9.74
C TYR B 145 11.27 -12.86 11.21
N PRO B 146 10.55 -12.14 12.08
CA PRO B 146 9.35 -11.33 11.83
C PRO B 146 9.67 -9.99 11.17
N LYS B 147 8.63 -9.17 10.95
CA LYS B 147 8.75 -7.98 10.13
C LYS B 147 9.53 -6.86 10.83
N ASP B 148 9.58 -6.86 12.17
CA ASP B 148 10.30 -5.83 12.90
C ASP B 148 11.79 -5.87 12.59
N ILE B 149 12.34 -4.74 12.16
CA ILE B 149 13.76 -4.64 11.85
C ILE B 149 14.17 -3.18 12.06
N ASN B 150 15.41 -2.96 12.49
CA ASN B 150 15.94 -1.61 12.67
C ASN B 150 17.20 -1.48 11.81
N VAL B 151 17.27 -0.46 10.97
CA VAL B 151 18.41 -0.26 10.07
C VAL B 151 19.06 1.09 10.37
N LYS B 152 20.39 1.09 10.43
CA LYS B 152 21.21 2.25 10.75
C LYS B 152 22.26 2.42 9.66
N TRP B 153 22.57 3.67 9.31
CA TRP B 153 23.61 4.00 8.35
C TRP B 153 24.79 4.70 9.02
N LYS B 154 26.00 4.31 8.67
CA LYS B 154 27.17 4.96 9.22
C LYS B 154 28.05 5.42 8.06
N ILE B 155 28.58 6.63 8.17
CA ILE B 155 29.55 7.15 7.22
C ILE B 155 30.80 7.44 8.02
N ASP B 156 31.88 6.73 7.73
CA ASP B 156 33.14 6.89 8.48
C ASP B 156 32.92 6.78 9.98
N GLY B 157 32.10 5.81 10.37
CA GLY B 157 31.86 5.51 11.76
C GLY B 157 30.85 6.38 12.45
N SER B 158 30.27 7.37 11.77
CA SER B 158 29.32 8.29 12.38
C SER B 158 27.95 8.04 11.77
N GLU B 159 26.95 7.92 12.65
CA GLU B 159 25.58 7.69 12.21
C GLU B 159 25.11 8.81 11.28
N ARG B 160 24.44 8.42 10.20
CA ARG B 160 23.82 9.33 9.25
C ARG B 160 22.34 9.03 9.13
N GLN B 161 21.53 10.04 9.35
CA GLN B 161 20.07 9.87 9.36
C GLN B 161 19.37 10.61 8.23
N ASN B 162 19.76 11.85 7.97
CA ASN B 162 19.19 12.63 6.88
C ASN B 162 19.47 11.94 5.55
N GLY B 163 18.44 11.86 4.71
CA GLY B 163 18.59 11.32 3.39
C GLY B 163 18.36 9.83 3.30
N VAL B 164 17.87 9.20 4.36
CA VAL B 164 17.61 7.76 4.39
C VAL B 164 16.13 7.55 4.05
N LEU B 165 15.86 6.64 3.11
CA LEU B 165 14.51 6.25 2.72
C LEU B 165 14.39 4.74 2.83
N ASN B 166 13.34 4.27 3.50
CA ASN B 166 13.15 2.84 3.74
C ASN B 166 11.84 2.37 3.12
N SER B 167 11.86 1.21 2.46
CA SER B 167 10.64 0.66 1.86
C SER B 167 10.55 -0.83 2.13
N TRP B 168 9.37 -1.30 2.54
CA TRP B 168 9.12 -2.69 2.93
C TRP B 168 8.26 -3.38 1.90
N THR B 169 8.52 -4.66 1.66
CA THR B 169 7.56 -5.43 0.88
C THR B 169 6.43 -5.94 1.77
N ASP B 170 5.33 -6.33 1.13
CA ASP B 170 4.34 -7.13 1.83
C ASP B 170 4.86 -8.55 1.99
N GLN B 171 4.16 -9.32 2.82
CA GLN B 171 4.60 -10.66 3.14
C GLN B 171 4.71 -11.49 1.87
N ASP B 172 5.81 -12.22 1.73
CA ASP B 172 6.02 -13.05 0.55
C ASP B 172 5.01 -14.19 0.48
N SER B 173 4.42 -14.42 -0.68
CA SER B 173 3.38 -15.45 -0.71
C SER B 173 3.98 -16.87 -0.71
N LYS B 174 5.23 -17.03 -1.13
CA LYS B 174 5.83 -18.37 -1.16
C LYS B 174 6.46 -18.77 0.18
N ASP B 175 7.28 -17.90 0.79
CA ASP B 175 7.97 -18.27 2.03
C ASP B 175 7.55 -17.43 3.24
N SER B 176 6.59 -16.53 3.10
CA SER B 176 6.02 -15.77 4.22
C SER B 176 7.05 -14.89 4.93
N THR B 177 8.15 -14.52 4.28
CA THR B 177 9.07 -13.55 4.85
C THR B 177 8.74 -12.13 4.38
N TYR B 178 9.51 -11.19 4.88
CA TYR B 178 9.46 -9.79 4.47
C TYR B 178 10.84 -9.40 3.94
N SER B 179 10.85 -8.35 3.13
CA SER B 179 12.12 -7.78 2.68
C SER B 179 12.05 -6.26 2.79
N MET B 180 13.22 -5.63 2.81
CA MET B 180 13.22 -4.19 2.89
C MET B 180 14.42 -3.62 2.17
N SER B 181 14.24 -2.41 1.62
CA SER B 181 15.25 -1.67 0.90
C SER B 181 15.49 -0.36 1.66
N SER B 182 16.74 -0.08 1.97
CA SER B 182 17.13 1.15 2.67
C SER B 182 18.11 1.89 1.79
N THR B 183 17.81 3.14 1.45
CA THR B 183 18.65 3.93 0.57
C THR B 183 19.11 5.18 1.29
N LEU B 184 20.42 5.42 1.29
CA LEU B 184 21.02 6.66 1.76
C LEU B 184 21.34 7.51 0.54
N THR B 185 20.78 8.70 0.47
CA THR B 185 21.03 9.57 -0.66
C THR B 185 21.85 10.76 -0.19
N LEU B 186 22.94 11.05 -0.89
CA LEU B 186 23.78 12.21 -0.64
C LEU B 186 24.11 12.87 -1.97
N THR B 187 24.70 14.05 -1.89
CA THR B 187 25.31 14.66 -3.07
C THR B 187 26.56 13.89 -3.48
N LYS B 188 26.83 13.87 -4.79
CA LYS B 188 28.08 13.24 -5.24
C LYS B 188 29.26 13.83 -4.48
N ASP B 189 29.26 15.15 -4.32
CA ASP B 189 30.39 15.80 -3.68
C ASP B 189 30.62 15.23 -2.29
N GLU B 190 29.55 15.07 -1.51
CA GLU B 190 29.72 14.55 -0.16
C GLU B 190 30.20 13.09 -0.20
N TYR B 191 29.60 12.29 -1.09
CA TYR B 191 29.97 10.89 -1.16
C TYR B 191 31.47 10.71 -1.38
N GLU B 192 32.03 11.49 -2.29
CA GLU B 192 33.44 11.41 -2.63
C GLU B 192 34.35 11.93 -1.52
N ARG B 193 33.80 12.62 -0.51
CA ARG B 193 34.59 13.14 0.59
C ARG B 193 34.75 12.16 1.72
N HIS B 194 34.05 11.03 1.69
CA HIS B 194 34.10 10.08 2.77
C HIS B 194 34.47 8.71 2.22
N ASN B 195 34.90 7.85 3.11
CA ASN B 195 35.52 6.59 2.72
C ASN B 195 34.61 5.40 2.98
N SER B 196 34.24 5.19 4.25
CA SER B 196 33.57 3.98 4.70
C SER B 196 32.06 4.20 4.81
N TYR B 197 31.28 3.30 4.19
CA TYR B 197 29.84 3.35 4.22
C TYR B 197 29.30 2.04 4.77
N THR B 198 28.44 2.14 5.79
CA THR B 198 27.99 0.97 6.53
C THR B 198 26.48 0.95 6.68
N CYS B 199 25.89 -0.17 6.28
CA CYS B 199 24.49 -0.51 6.57
C CYS B 199 24.51 -1.48 7.74
N GLU B 200 23.84 -1.10 8.84
CA GLU B 200 23.75 -1.86 10.09
C GLU B 200 22.29 -2.22 10.34
N ALA B 201 22.01 -3.48 10.68
CA ALA B 201 20.64 -3.87 10.99
C ALA B 201 20.55 -4.66 12.29
N THR B 202 19.47 -4.45 13.03
CA THR B 202 19.18 -5.23 14.23
C THR B 202 17.88 -5.99 14.00
N HIS B 203 17.91 -7.30 14.27
CA HIS B 203 16.79 -8.18 14.03
C HIS B 203 16.79 -9.23 15.12
N LYS B 204 15.62 -9.80 15.41
CA LYS B 204 15.56 -10.65 16.58
C LYS B 204 16.34 -11.96 16.41
N THR B 205 16.72 -12.33 15.17
CA THR B 205 17.47 -13.55 14.88
C THR B 205 18.96 -13.45 15.21
N SER B 206 19.44 -12.31 15.67
CA SER B 206 20.86 -12.22 16.01
C SER B 206 21.03 -11.33 17.22
N THR B 207 21.87 -11.76 18.16
CA THR B 207 22.14 -10.91 19.30
C THR B 207 23.10 -9.78 18.96
N SER B 208 23.80 -9.86 17.83
CA SER B 208 24.65 -8.78 17.35
C SER B 208 24.01 -8.12 16.13
N PRO B 209 24.26 -6.83 15.90
CA PRO B 209 23.78 -6.21 14.66
C PRO B 209 24.46 -6.84 13.45
N ILE B 210 23.71 -6.93 12.35
CA ILE B 210 24.26 -7.39 11.09
C ILE B 210 24.87 -6.19 10.39
N VAL B 211 26.17 -6.27 10.10
CA VAL B 211 26.92 -5.16 9.51
C VAL B 211 27.29 -5.51 8.07
N LYS B 212 27.06 -4.58 7.15
CA LYS B 212 27.61 -4.67 5.80
C LYS B 212 28.21 -3.33 5.43
N SER B 213 29.49 -3.32 5.08
CA SER B 213 30.16 -2.06 4.80
C SER B 213 31.10 -2.21 3.61
N PHE B 214 31.41 -1.08 2.98
CA PHE B 214 32.41 -1.01 1.92
C PHE B 214 33.16 0.32 2.06
N ASN B 215 34.38 0.38 1.51
CA ASN B 215 35.17 1.60 1.44
C ASN B 215 35.21 2.12 0.02
N ARG B 216 34.94 3.42 -0.13
CA ARG B 216 34.97 4.05 -1.46
C ARG B 216 36.35 3.98 -2.10
N ASN B 217 37.41 3.82 -1.32
CA ASN B 217 38.75 3.81 -1.87
C ASN B 217 39.32 2.41 -2.07
N GLU B 218 38.53 1.35 -1.86
CA GLU B 218 39.06 0.00 -1.89
C GLU B 218 39.33 -0.47 -3.32
N CYS B 219 38.61 0.08 -4.30
CA CYS B 219 38.87 -0.16 -5.74
C CYS B 219 38.14 0.91 -6.55
N ILE C 2 -29.95 6.00 5.03
CA ILE C 2 -29.05 4.92 4.66
C ILE C 2 -29.25 3.67 5.53
N GLN C 3 -29.64 3.87 6.79
CA GLN C 3 -29.82 2.73 7.69
C GLN C 3 -30.94 1.82 7.19
N LYS C 4 -32.03 2.39 6.67
CA LYS C 4 -33.10 1.57 6.09
C LYS C 4 -32.59 0.77 4.87
N GLU C 5 -31.65 1.34 4.09
CA GLU C 5 -31.03 0.57 3.01
C GLU C 5 -30.22 -0.59 3.54
N ILE C 6 -29.45 -0.36 4.60
CA ILE C 6 -28.63 -1.44 5.13
C ILE C 6 -29.51 -2.56 5.66
N ASP C 7 -30.65 -2.21 6.29
CA ASP C 7 -31.64 -3.21 6.74
C ASP C 7 -32.00 -4.19 5.63
N ARG C 8 -32.04 -3.72 4.37
CA ARG C 8 -32.52 -4.55 3.28
C ARG C 8 -31.40 -5.25 2.50
N LEU C 9 -30.16 -5.25 3.01
CA LEU C 9 -29.04 -5.79 2.21
C LEU C 9 -29.23 -7.25 1.83
N ASN C 10 -29.87 -8.05 2.68
CA ASN C 10 -30.01 -9.46 2.31
C ASN C 10 -31.26 -9.73 1.49
N GLU C 11 -31.78 -8.72 0.81
CA GLU C 11 -32.66 -8.95 -0.34
C GLU C 11 -31.90 -9.57 -1.51
N VAL C 12 -30.59 -9.31 -1.62
CA VAL C 12 -29.85 -9.78 -2.79
C VAL C 12 -29.66 -11.30 -2.68
N ALA C 13 -29.55 -11.95 -3.85
CA ALA C 13 -29.15 -13.35 -3.88
C ALA C 13 -27.79 -13.54 -3.22
N LYS C 14 -27.55 -14.76 -2.74
CA LYS C 14 -26.34 -15.05 -1.99
C LYS C 14 -25.20 -15.50 -2.92
N ASN C 15 -24.90 -14.64 -3.90
CA ASN C 15 -23.92 -14.93 -4.94
C ASN C 15 -22.78 -13.90 -5.03
N LEU C 16 -22.67 -13.01 -4.06
CA LEU C 16 -21.66 -11.95 -4.05
C LEU C 16 -20.62 -12.25 -2.98
N ASN C 17 -19.38 -11.86 -3.25
CA ASN C 17 -18.32 -11.86 -2.23
C ASN C 17 -18.01 -13.30 -1.78
N GLU C 18 -18.13 -14.25 -2.70
CA GLU C 18 -17.90 -15.63 -2.35
C GLU C 18 -16.41 -15.95 -2.13
N SER C 19 -15.51 -15.10 -2.63
CA SER C 19 -14.08 -15.39 -2.61
C SER C 19 -13.34 -14.66 -1.49
N LEU C 20 -14.06 -14.14 -0.49
CA LEU C 20 -13.42 -13.42 0.61
C LEU C 20 -12.69 -14.34 1.59
#